data_7W74
#
_entry.id   7W74
#
_cell.length_a   65.565
_cell.length_b   65.565
_cell.length_c   219.363
_cell.angle_alpha   90.000
_cell.angle_beta   90.000
_cell.angle_gamma   120.000
#
_symmetry.space_group_name_H-M   'P 63'
#
loop_
_entity.id
_entity.type
_entity.pdbx_description
1 polymer 'Bacteriorhodopsin-like protein'
2 non-polymer RETINAL
3 non-polymer '(2S)-2,3-dihydroxypropyl (9Z)-octadec-9-enoate'
4 non-polymer '(2R)-2,3-dihydroxypropyl (9Z)-octadec-9-enoate'
5 water water
#
_entity_poly.entity_id   1
_entity_poly.type   'polypeptide(L)'
_entity_poly.pdbx_seq_one_letter_code
;MIQTPLLIGFIVMALASLAIYIKGAHYGPLLGHTLIHAAVPFIAATAYLCMYLGVGNLIKVDGSVTYLARYVDWAFTTPL
LLAGVVSSAYYGTRDLYGKSGYITAIVTLDVIMIVTGLIASLAPYGVIKWVFFAWSCAAFAGVLYLLWKPVASIASQQPG
VSPAYRRNVGFLTVLWLIYPVVFAVGPEGFWAVSDATTVWVFLVLDVLAKVVYAFTSERNLRAVPVGRGYLEHHHHHH
;
_entity_poly.pdbx_strand_id   A,B
#
loop_
_chem_comp.id
_chem_comp.type
_chem_comp.name
_chem_comp.formula
OLB non-polymer '(2S)-2,3-dihydroxypropyl (9Z)-octadec-9-enoate' 'C21 H40 O4'
OLC non-polymer '(2R)-2,3-dihydroxypropyl (9Z)-octadec-9-enoate' 'C21 H40 O4'
RET non-polymer RETINAL 'C20 H28 O'
#
# COMPACT_ATOMS: atom_id res chain seq x y z
N MET A 1 8.98 -10.08 20.53
CA MET A 1 7.94 -9.27 19.90
C MET A 1 8.28 -7.78 20.03
N ILE A 2 7.60 -6.95 19.25
CA ILE A 2 7.86 -5.51 19.21
C ILE A 2 7.66 -4.87 20.58
N GLN A 3 6.87 -5.50 21.46
CA GLN A 3 6.65 -4.93 22.79
C GLN A 3 7.93 -4.84 23.59
N THR A 4 8.88 -5.75 23.36
CA THR A 4 10.10 -5.75 24.16
C THR A 4 10.99 -4.56 23.87
N PRO A 5 11.38 -4.25 22.61
CA PRO A 5 12.27 -3.11 22.40
C PRO A 5 11.66 -1.78 22.80
N LEU A 6 10.33 -1.65 22.70
CA LEU A 6 9.69 -0.39 23.07
C LEU A 6 9.82 -0.14 24.57
N LEU A 7 9.63 -1.17 25.39
CA LEU A 7 9.82 -1.02 26.83
C LEU A 7 11.28 -0.77 27.17
N ILE A 8 12.19 -1.48 26.49
CA ILE A 8 13.61 -1.25 26.71
C ILE A 8 13.97 0.21 26.47
N GLY A 9 13.49 0.76 25.35
CA GLY A 9 13.74 2.17 25.08
C GLY A 9 13.14 3.08 26.13
N PHE A 10 11.93 2.77 26.58
CA PHE A 10 11.26 3.62 27.57
C PHE A 10 12.06 3.68 28.87
N ILE A 11 12.61 2.55 29.30
CA ILE A 11 13.38 2.54 30.54
C ILE A 11 14.77 3.11 30.32
N VAL A 12 15.37 2.88 29.15
CA VAL A 12 16.70 3.41 28.88
C VAL A 12 16.64 4.93 28.70
N MET A 13 15.65 5.43 27.95
CA MET A 13 15.57 6.86 27.70
C MET A 13 15.16 7.63 28.95
N ALA A 14 14.26 7.07 29.76
CA ALA A 14 13.84 7.76 30.98
C ALA A 14 14.98 7.80 32.00
N LEU A 15 15.69 6.68 32.18
CA LEU A 15 16.81 6.67 33.11
C LEU A 15 17.95 7.55 32.61
N ALA A 16 18.24 7.51 31.31
CA ALA A 16 19.29 8.36 30.75
C ALA A 16 18.92 9.83 30.83
N SER A 17 17.63 10.15 30.78
CA SER A 17 17.19 11.53 30.91
C SER A 17 17.63 12.13 32.24
N LEU A 18 17.52 11.35 33.32
CA LEU A 18 17.97 11.82 34.63
C LEU A 18 19.48 11.66 34.79
N ALA A 19 20.04 10.58 34.24
CA ALA A 19 21.47 10.33 34.37
C ALA A 19 22.28 11.41 33.67
N ILE A 20 21.79 11.92 32.53
CA ILE A 20 22.51 12.98 31.84
C ILE A 20 22.39 14.29 32.60
N TYR A 21 21.23 14.55 33.20
CA TYR A 21 21.07 15.78 33.97
C TYR A 21 21.93 15.77 35.24
N ILE A 22 22.05 14.61 35.87
CA ILE A 22 22.83 14.52 37.11
C ILE A 22 24.32 14.62 36.80
N LYS A 23 24.83 13.72 35.97
CA LYS A 23 26.25 13.68 35.66
C LYS A 23 26.69 14.81 34.74
N GLY A 24 25.75 15.44 34.02
CA GLY A 24 26.13 16.46 33.06
C GLY A 24 26.70 17.70 33.75
N ALA A 25 27.72 18.29 33.12
CA ALA A 25 28.38 19.46 33.69
C ALA A 25 27.48 20.68 33.60
N HIS A 26 27.47 21.48 34.67
CA HIS A 26 26.63 22.66 34.77
C HIS A 26 27.45 23.95 34.70
N TYR A 27 28.58 23.92 34.00
CA TYR A 27 29.49 25.04 33.94
C TYR A 27 29.29 25.81 32.63
N GLY A 28 28.92 27.09 32.75
CA GLY A 28 28.86 28.00 31.62
C GLY A 28 28.07 27.48 30.45
N PRO A 29 28.71 27.45 29.28
CA PRO A 29 28.00 26.97 28.07
C PRO A 29 27.54 25.52 28.17
N LEU A 30 28.21 24.71 28.97
CA LEU A 30 27.79 23.32 29.14
C LEU A 30 26.51 23.18 29.94
N LEU A 31 26.07 24.24 30.63
CA LEU A 31 24.83 24.16 31.40
C LEU A 31 23.63 23.97 30.49
N GLY A 32 23.50 24.84 29.47
CA GLY A 32 22.46 24.64 28.48
C GLY A 32 22.65 23.40 27.64
N HIS A 33 23.89 22.90 27.56
CA HIS A 33 24.16 21.69 26.81
C HIS A 33 23.48 20.48 27.45
N THR A 34 23.79 20.24 28.74
CA THR A 34 23.20 19.10 29.43
C THR A 34 21.70 19.29 29.64
N LEU A 35 21.24 20.54 29.68
CA LEU A 35 19.81 20.79 29.80
C LEU A 35 19.06 20.37 28.54
N ILE A 36 19.64 20.66 27.37
CA ILE A 36 19.02 20.19 26.13
C ILE A 36 19.20 18.69 25.98
N HIS A 37 20.39 18.17 26.32
CA HIS A 37 20.63 16.73 26.24
C HIS A 37 19.92 15.94 27.33
N ALA A 38 19.22 16.60 28.25
CA ALA A 38 18.35 15.90 29.18
C ALA A 38 16.90 15.90 28.72
N ALA A 39 16.49 16.90 27.94
CA ALA A 39 15.15 16.93 27.39
C ALA A 39 14.98 15.96 26.23
N VAL A 40 16.07 15.71 25.48
CA VAL A 40 15.97 14.80 24.33
C VAL A 40 15.60 13.38 24.74
N PRO A 41 16.28 12.74 25.71
CA PRO A 41 15.83 11.40 26.13
C PRO A 41 14.49 11.41 26.82
N PHE A 42 14.08 12.52 27.43
CA PHE A 42 12.75 12.60 28.05
C PHE A 42 11.66 12.60 26.99
N ILE A 43 11.89 13.28 25.86
CA ILE A 43 10.94 13.24 24.75
C ILE A 43 10.90 11.85 24.15
N ALA A 44 12.06 11.21 24.00
CA ALA A 44 12.11 9.88 23.42
C ALA A 44 11.45 8.86 24.33
N ALA A 45 11.69 8.95 25.64
CA ALA A 45 11.06 8.03 26.58
C ALA A 45 9.55 8.12 26.53
N THR A 46 9.02 9.34 26.34
CA THR A 46 7.58 9.51 26.20
C THR A 46 7.07 8.87 24.93
N ALA A 47 7.83 8.98 23.83
CA ALA A 47 7.41 8.38 22.58
C ALA A 47 7.45 6.87 22.65
N TYR A 48 8.50 6.31 23.25
CA TYR A 48 8.56 4.86 23.43
C TYR A 48 7.46 4.37 24.35
N LEU A 49 7.00 5.22 25.28
CA LEU A 49 5.83 4.88 26.09
C LEU A 49 4.57 4.83 25.23
N CYS A 50 4.46 5.72 24.25
CA CYS A 50 3.30 5.71 23.37
C CYS A 50 3.31 4.48 22.45
N MET A 51 4.46 4.21 21.82
CA MET A 51 4.53 3.05 20.93
C MET A 51 4.30 1.76 21.69
N TYR A 52 4.79 1.68 22.94
CA TYR A 52 4.62 0.46 23.73
C TYR A 52 3.15 0.19 24.03
N LEU A 53 2.34 1.23 24.19
CA LEU A 53 0.93 1.08 24.53
C LEU A 53 0.00 1.25 23.34
N GLY A 54 0.53 1.60 22.17
CA GLY A 54 -0.27 1.70 20.97
C GLY A 54 -0.76 3.09 20.62
N VAL A 55 -0.29 4.12 21.32
CA VAL A 55 -0.68 5.50 21.01
C VAL A 55 0.06 5.92 19.74
N GLY A 56 -0.68 6.09 18.65
CA GLY A 56 -0.11 6.55 17.40
C GLY A 56 0.25 5.46 16.42
N ASN A 57 0.14 4.19 16.80
CA ASN A 57 0.51 3.08 15.93
C ASN A 57 -0.57 2.92 14.85
N LEU A 58 -0.32 3.46 13.67
CA LEU A 58 -1.22 3.36 12.54
C LEU A 58 -0.88 2.17 11.66
N ILE A 59 -1.90 1.41 11.27
CA ILE A 59 -1.75 0.22 10.43
C ILE A 59 -2.46 0.48 9.11
N LYS A 60 -1.75 0.29 8.01
CA LYS A 60 -2.30 0.52 6.69
C LYS A 60 -2.95 -0.75 6.14
N VAL A 61 -3.58 -0.63 4.97
CA VAL A 61 -4.30 -1.75 4.39
C VAL A 61 -3.37 -2.86 3.94
N ASP A 62 -2.10 -2.54 3.66
CA ASP A 62 -1.14 -3.54 3.22
C ASP A 62 -0.38 -4.18 4.37
N GLY A 63 -0.69 -3.83 5.61
CA GLY A 63 0.00 -4.35 6.77
C GLY A 63 1.14 -3.50 7.28
N SER A 64 1.54 -2.46 6.54
CA SER A 64 2.59 -1.57 6.99
C SER A 64 2.16 -0.84 8.25
N VAL A 65 3.13 -0.46 9.08
CA VAL A 65 2.88 0.20 10.35
C VAL A 65 3.64 1.53 10.37
N THR A 66 2.93 2.61 10.63
CA THR A 66 3.51 3.93 10.83
C THR A 66 3.41 4.29 12.30
N TYR A 67 4.56 4.52 12.93
CA TYR A 67 4.62 4.91 14.33
C TYR A 67 4.58 6.44 14.40
N LEU A 68 3.40 6.99 14.67
CA LEU A 68 3.28 8.44 14.79
C LEU A 68 4.09 8.97 15.96
N ALA A 69 4.20 8.20 17.04
CA ALA A 69 5.00 8.65 18.17
C ALA A 69 6.47 8.79 17.81
N ARG A 70 6.99 7.90 16.96
CA ARG A 70 8.40 7.97 16.57
C ARG A 70 8.71 9.27 15.84
N TYR A 71 7.86 9.64 14.87
CA TYR A 71 8.16 10.82 14.05
C TYR A 71 7.98 12.11 14.83
N VAL A 72 7.02 12.17 15.75
CA VAL A 72 6.91 13.34 16.62
C VAL A 72 8.12 13.45 17.53
N ASP A 73 8.62 12.30 18.00
CA ASP A 73 9.88 12.28 18.74
C ASP A 73 10.99 12.90 17.91
N TRP A 74 11.19 12.40 16.68
CA TRP A 74 12.23 12.95 15.80
C TRP A 74 11.97 14.41 15.46
N ALA A 75 10.70 14.79 15.32
CA ALA A 75 10.37 16.15 14.92
C ALA A 75 10.81 17.18 15.94
N PHE A 76 10.97 16.80 17.21
CA PHE A 76 11.38 17.72 18.26
C PHE A 76 12.76 17.43 18.82
N THR A 77 13.20 16.18 18.83
CA THR A 77 14.52 15.88 19.37
C THR A 77 15.63 16.31 18.41
N THR A 78 15.46 16.07 17.11
CA THR A 78 16.49 16.40 16.14
C THR A 78 16.74 17.90 16.00
N PRO A 79 15.72 18.77 16.10
CA PRO A 79 16.03 20.21 16.15
C PRO A 79 16.75 20.63 17.42
N LEU A 80 16.43 20.00 18.56
CA LEU A 80 17.15 20.31 19.80
C LEU A 80 18.60 19.85 19.72
N LEU A 81 18.87 18.73 19.04
CA LEU A 81 20.24 18.27 18.92
C LEU A 81 21.06 19.18 18.02
N LEU A 82 20.49 19.58 16.87
CA LEU A 82 21.20 20.51 16.00
C LEU A 82 21.34 21.88 16.63
N ALA A 83 20.37 22.28 17.46
CA ALA A 83 20.48 23.57 18.15
C ALA A 83 21.71 23.60 19.05
N GLY A 84 22.02 22.48 19.71
CA GLY A 84 23.19 22.43 20.56
C GLY A 84 24.49 22.36 19.78
N VAL A 85 24.46 21.74 18.59
CA VAL A 85 25.66 21.66 17.77
C VAL A 85 26.01 23.03 17.20
N VAL A 86 25.02 23.73 16.67
CA VAL A 86 25.26 25.07 16.12
C VAL A 86 25.65 26.02 17.24
N SER A 87 25.00 25.92 18.40
CA SER A 87 25.35 26.78 19.52
C SER A 87 26.75 26.50 20.03
N SER A 88 27.21 25.25 19.95
CA SER A 88 28.54 24.91 20.43
C SER A 88 29.62 25.59 19.60
N ALA A 89 29.36 25.85 18.32
CA ALA A 89 30.34 26.56 17.49
C ALA A 89 30.46 28.01 17.89
N TYR A 90 29.37 28.61 18.39
CA TYR A 90 29.37 29.98 18.88
C TYR A 90 29.80 30.11 20.34
N TYR A 91 30.25 29.01 20.95
CA TYR A 91 30.66 29.05 22.34
C TYR A 91 31.86 29.97 22.54
N GLY A 92 31.80 30.80 23.57
CA GLY A 92 32.89 31.66 23.95
C GLY A 92 33.02 32.95 23.16
N THR A 93 32.13 33.23 22.22
CA THR A 93 32.21 34.42 21.39
C THR A 93 30.89 35.17 21.43
N ARG A 94 30.97 36.46 21.79
CA ARG A 94 29.84 37.37 21.68
C ARG A 94 29.98 38.32 20.51
N ASP A 95 31.02 38.17 19.70
CA ASP A 95 31.30 39.07 18.59
C ASP A 95 30.98 38.46 17.22
N LEU A 96 30.52 37.21 17.19
CA LEU A 96 30.22 36.51 15.94
C LEU A 96 28.73 36.56 15.66
N TYR A 97 28.38 36.62 14.37
CA TYR A 97 27.01 36.80 13.91
C TYR A 97 26.45 35.50 13.36
N GLY A 98 25.11 35.43 13.35
CA GLY A 98 24.39 34.38 12.66
C GLY A 98 23.89 33.23 13.51
N LYS A 99 24.11 33.27 14.83
CA LYS A 99 23.72 32.14 15.67
C LYS A 99 22.23 31.88 15.58
N SER A 100 21.41 32.91 15.82
CA SER A 100 19.96 32.73 15.74
C SER A 100 19.50 32.38 14.33
N GLY A 101 20.23 32.85 13.32
CA GLY A 101 19.86 32.59 11.94
C GLY A 101 20.18 31.18 11.48
N TYR A 102 21.39 30.71 11.80
CA TYR A 102 21.80 29.37 11.39
C TYR A 102 20.93 28.31 12.07
N ILE A 103 20.71 28.43 13.37
CA ILE A 103 19.83 27.50 14.07
C ILE A 103 18.46 27.49 13.43
N THR A 104 17.91 28.68 13.12
CA THR A 104 16.58 28.75 12.53
C THR A 104 16.55 28.07 11.17
N ALA A 105 17.57 28.30 10.33
CA ALA A 105 17.57 27.72 9.00
C ALA A 105 17.73 26.20 9.05
N ILE A 106 18.55 25.70 9.97
CA ILE A 106 18.79 24.26 10.01
C ILE A 106 17.63 23.52 10.66
N VAL A 107 16.88 24.18 11.55
CA VAL A 107 15.70 23.55 12.14
C VAL A 107 14.59 23.44 11.11
N THR A 108 14.46 24.45 10.24
CA THR A 108 13.50 24.38 9.15
C THR A 108 13.76 23.18 8.25
N LEU A 109 15.03 22.97 7.88
CA LEU A 109 15.38 21.86 7.01
C LEU A 109 15.20 20.52 7.71
N ASP A 110 15.43 20.47 9.03
CA ASP A 110 15.29 19.21 9.76
C ASP A 110 13.82 18.83 9.94
N VAL A 111 12.96 19.81 10.26
CA VAL A 111 11.54 19.50 10.45
C VAL A 111 10.92 19.06 9.13
N ILE A 112 11.31 19.69 8.02
CA ILE A 112 10.82 19.26 6.71
C ILE A 112 11.33 17.86 6.38
N MET A 113 12.58 17.56 6.74
CA MET A 113 13.09 16.19 6.56
C MET A 113 12.23 15.18 7.31
N ILE A 114 11.83 15.50 8.54
CA ILE A 114 11.07 14.56 9.35
C ILE A 114 9.61 14.51 8.91
N VAL A 115 9.04 15.67 8.57
CA VAL A 115 7.64 15.70 8.14
C VAL A 115 7.48 14.98 6.81
N THR A 116 8.35 15.28 5.84
CA THR A 116 8.27 14.58 4.55
C THR A 116 8.60 13.10 4.69
N GLY A 117 9.44 12.73 5.65
CA GLY A 117 9.64 11.33 5.96
C GLY A 117 8.39 10.67 6.53
N LEU A 118 7.56 11.45 7.23
CA LEU A 118 6.29 10.92 7.72
C LEU A 118 5.31 10.72 6.57
N ILE A 119 5.30 11.64 5.60
CA ILE A 119 4.43 11.49 4.44
C ILE A 119 4.82 10.27 3.62
N ALA A 120 6.12 10.03 3.48
CA ALA A 120 6.58 8.86 2.73
C ALA A 120 6.12 7.56 3.38
N SER A 121 6.25 7.46 4.71
CA SER A 121 5.77 6.28 5.41
C SER A 121 4.28 6.06 5.20
N LEU A 122 3.49 7.14 5.31
CA LEU A 122 2.04 7.01 5.16
C LEU A 122 1.66 6.64 3.73
N ALA A 123 2.45 7.06 2.76
CA ALA A 123 2.14 6.78 1.37
C ALA A 123 2.34 5.31 1.05
N PRO A 124 1.56 4.75 0.13
CA PRO A 124 1.81 3.38 -0.34
C PRO A 124 3.06 3.34 -1.21
N TYR A 125 3.48 2.11 -1.54
CA TYR A 125 4.65 1.95 -2.38
C TYR A 125 4.36 2.48 -3.78
N GLY A 126 5.08 3.51 -4.18
CA GLY A 126 4.85 4.12 -5.49
C GLY A 126 5.68 5.37 -5.66
N VAL A 127 5.20 6.25 -6.55
CA VAL A 127 5.93 7.49 -6.82
C VAL A 127 5.79 8.47 -5.66
N ILE A 128 4.58 8.58 -5.08
CA ILE A 128 4.36 9.55 -4.01
C ILE A 128 5.30 9.26 -2.84
N LYS A 129 5.46 7.98 -2.48
CA LYS A 129 6.33 7.64 -1.36
C LYS A 129 7.76 8.07 -1.61
N TRP A 130 8.33 7.67 -2.75
CA TRP A 130 9.75 7.89 -3.00
C TRP A 130 10.06 9.32 -3.43
N VAL A 131 9.07 10.10 -3.85
CA VAL A 131 9.32 11.50 -4.18
C VAL A 131 9.63 12.29 -2.91
N PHE A 132 8.82 12.10 -1.86
CA PHE A 132 9.09 12.74 -0.58
C PHE A 132 10.31 12.15 0.11
N PHE A 133 10.68 10.91 -0.22
CA PHE A 133 11.93 10.36 0.29
C PHE A 133 13.13 11.13 -0.27
N ALA A 134 13.12 11.42 -1.57
CA ALA A 134 14.22 12.18 -2.16
C ALA A 134 14.20 13.63 -1.70
N TRP A 135 13.00 14.20 -1.51
CA TRP A 135 12.92 15.55 -0.97
C TRP A 135 13.34 15.60 0.49
N SER A 136 13.10 14.51 1.23
CA SER A 136 13.61 14.43 2.59
C SER A 136 15.13 14.34 2.61
N CYS A 137 15.70 13.56 1.70
CA CYS A 137 17.15 13.48 1.61
C CYS A 137 17.76 14.80 1.17
N ALA A 138 17.08 15.54 0.31
CA ALA A 138 17.56 16.85 -0.13
C ALA A 138 17.66 17.80 1.06
N ALA A 139 16.62 17.83 1.91
CA ALA A 139 16.67 18.61 3.13
C ALA A 139 17.78 18.10 4.06
N PHE A 140 17.95 16.77 4.12
CA PHE A 140 19.03 16.20 4.91
C PHE A 140 20.39 16.67 4.37
N ALA A 141 20.54 16.74 3.05
CA ALA A 141 21.78 17.24 2.47
C ALA A 141 22.02 18.68 2.88
N GLY A 142 20.96 19.50 2.94
CA GLY A 142 21.11 20.88 3.36
C GLY A 142 21.46 21.01 4.82
N VAL A 143 20.97 20.11 5.66
CA VAL A 143 21.38 20.10 7.06
C VAL A 143 22.87 19.77 7.17
N LEU A 144 23.32 18.74 6.46
CA LEU A 144 24.72 18.35 6.49
C LEU A 144 25.62 19.44 5.91
N TYR A 145 25.22 20.01 4.77
CA TYR A 145 26.02 21.07 4.17
C TYR A 145 26.17 22.24 5.13
N LEU A 146 25.05 22.73 5.66
CA LEU A 146 25.11 23.82 6.63
C LEU A 146 26.01 23.46 7.80
N LEU A 147 25.82 22.28 8.38
CA LEU A 147 26.64 21.84 9.51
C LEU A 147 28.12 21.82 9.14
N TRP A 148 28.47 21.19 8.00
CA TRP A 148 29.88 21.05 7.64
C TRP A 148 30.45 22.38 7.12
N LYS A 149 29.86 22.97 6.09
CA LYS A 149 30.57 24.14 5.57
C LYS A 149 30.36 25.38 6.43
N PRO A 150 29.16 25.99 6.49
CA PRO A 150 29.09 27.32 7.13
C PRO A 150 29.45 27.38 8.61
N VAL A 151 28.89 26.54 9.46
CA VAL A 151 29.12 26.68 10.91
C VAL A 151 30.43 26.05 11.38
N ALA A 152 31.07 25.21 10.57
CA ALA A 152 32.45 24.87 10.90
C ALA A 152 33.38 26.04 10.60
N SER A 153 33.05 26.82 9.56
CA SER A 153 33.77 28.08 9.33
C SER A 153 33.67 29.00 10.53
N ILE A 154 32.54 28.99 11.23
CA ILE A 154 32.40 29.81 12.43
C ILE A 154 33.18 29.20 13.59
N ALA A 155 33.25 27.87 13.68
CA ALA A 155 34.05 27.24 14.72
C ALA A 155 35.54 27.45 14.49
N SER A 156 35.99 27.32 13.24
CA SER A 156 37.42 27.40 12.93
C SER A 156 38.01 28.77 13.24
N GLN A 157 37.19 29.83 13.24
CA GLN A 157 37.71 31.16 13.53
C GLN A 157 38.11 31.33 14.99
N GLN A 158 38.02 30.29 15.81
CA GLN A 158 38.52 30.34 17.18
C GLN A 158 38.79 28.93 17.69
N PRO A 159 40.02 28.63 18.09
CA PRO A 159 40.33 27.36 18.76
C PRO A 159 40.14 27.50 20.26
N GLY A 160 40.09 26.36 20.95
CA GLY A 160 40.21 25.03 20.35
C GLY A 160 38.88 24.30 20.28
N VAL A 161 37.80 25.06 20.21
CA VAL A 161 36.48 24.45 20.02
C VAL A 161 36.38 23.81 18.65
N SER A 162 37.09 24.36 17.66
CA SER A 162 37.02 23.87 16.28
C SER A 162 37.30 22.37 16.16
N PRO A 163 38.35 21.80 16.76
CA PRO A 163 38.49 20.34 16.70
C PRO A 163 37.44 19.58 17.49
N ALA A 164 36.88 20.18 18.55
CA ALA A 164 35.80 19.52 19.27
C ALA A 164 34.51 19.52 18.47
N TYR A 165 34.27 20.58 17.70
CA TYR A 165 33.08 20.62 16.85
C TYR A 165 33.18 19.61 15.72
N ARG A 166 34.35 19.51 15.07
CA ARG A 166 34.51 18.60 13.94
C ARG A 166 34.34 17.14 14.37
N ARG A 167 34.75 16.80 15.59
CA ARG A 167 34.62 15.43 16.04
C ARG A 167 33.17 15.09 16.38
N ASN A 168 32.42 16.07 16.91
CA ASN A 168 31.02 15.82 17.24
C ASN A 168 30.17 15.74 15.97
N VAL A 169 30.46 16.57 14.97
CA VAL A 169 29.70 16.54 13.73
C VAL A 169 29.97 15.25 12.96
N GLY A 170 31.20 14.75 13.01
CA GLY A 170 31.51 13.50 12.34
C GLY A 170 30.76 12.32 12.96
N PHE A 171 30.65 12.31 14.28
CA PHE A 171 29.87 11.27 14.95
C PHE A 171 28.39 11.37 14.58
N LEU A 172 27.86 12.60 14.57
CA LEU A 172 26.44 12.79 14.31
C LEU A 172 26.08 12.46 12.87
N THR A 173 26.97 12.80 11.93
CA THR A 173 26.68 12.58 10.52
C THR A 173 26.61 11.09 10.19
N VAL A 174 27.59 10.33 10.67
CA VAL A 174 27.60 8.89 10.41
C VAL A 174 26.40 8.22 11.09
N LEU A 175 26.03 8.71 12.27
CA LEU A 175 24.91 8.11 13.00
C LEU A 175 23.58 8.42 12.33
N TRP A 176 23.40 9.65 11.85
CA TRP A 176 22.12 10.03 11.27
C TRP A 176 21.94 9.51 9.85
N LEU A 177 23.03 9.11 9.17
CA LEU A 177 22.89 8.50 7.85
C LEU A 177 22.34 7.08 7.93
N ILE A 178 22.43 6.43 9.10
CA ILE A 178 21.89 5.09 9.24
C ILE A 178 20.37 5.12 9.23
N TYR A 179 19.77 6.22 9.73
CA TYR A 179 18.32 6.28 9.86
C TYR A 179 17.59 6.13 8.52
N PRO A 180 17.92 6.86 7.45
CA PRO A 180 17.18 6.64 6.20
C PRO A 180 17.42 5.28 5.58
N VAL A 181 18.58 4.65 5.85
CA VAL A 181 18.83 3.30 5.35
C VAL A 181 17.85 2.31 5.97
N VAL A 182 17.61 2.43 7.29
CA VAL A 182 16.65 1.56 7.93
C VAL A 182 15.24 1.80 7.39
N PHE A 183 14.92 3.06 7.06
CA PHE A 183 13.61 3.37 6.50
C PHE A 183 13.39 2.65 5.17
N ALA A 184 14.39 2.68 4.28
CA ALA A 184 14.22 2.08 2.97
C ALA A 184 14.11 0.56 3.05
N VAL A 185 14.97 -0.08 3.85
CA VAL A 185 14.95 -1.54 3.94
C VAL A 185 13.77 -2.07 4.73
N GLY A 186 13.17 -1.25 5.60
CA GLY A 186 12.07 -1.70 6.43
C GLY A 186 10.74 -1.61 5.73
N PRO A 187 9.67 -2.03 6.42
CA PRO A 187 8.34 -2.00 5.80
C PRO A 187 7.92 -0.62 5.31
N GLU A 188 8.42 0.45 5.94
CA GLU A 188 8.07 1.80 5.50
C GLU A 188 8.49 2.05 4.06
N GLY A 189 9.60 1.45 3.64
CA GLY A 189 10.08 1.63 2.28
C GLY A 189 9.96 0.37 1.44
N PHE A 190 11.10 -0.27 1.15
CA PHE A 190 11.12 -1.46 0.31
C PHE A 190 10.54 -2.69 1.00
N TRP A 191 10.46 -2.70 2.33
CA TRP A 191 9.95 -3.86 3.09
C TRP A 191 10.86 -5.08 2.97
N ALA A 192 12.16 -4.85 2.76
CA ALA A 192 13.11 -5.96 2.71
C ALA A 192 13.25 -6.64 4.06
N VAL A 193 13.10 -5.89 5.15
CA VAL A 193 13.24 -6.40 6.50
C VAL A 193 11.92 -6.23 7.25
N SER A 194 11.75 -7.01 8.32
CA SER A 194 10.48 -6.99 9.05
C SER A 194 10.37 -5.73 9.90
N ASP A 195 9.14 -5.49 10.38
CA ASP A 195 8.89 -4.30 11.22
C ASP A 195 9.64 -4.40 12.54
N ALA A 196 9.71 -5.59 13.13
CA ALA A 196 10.40 -5.75 14.40
C ALA A 196 11.89 -5.52 14.29
N THR A 197 12.48 -5.79 13.12
CA THR A 197 13.90 -5.51 12.93
C THR A 197 14.17 -4.02 12.86
N THR A 198 13.24 -3.24 12.30
CA THR A 198 13.39 -1.79 12.30
C THR A 198 13.29 -1.22 13.70
N VAL A 199 12.41 -1.79 14.53
CA VAL A 199 12.27 -1.32 15.90
C VAL A 199 13.56 -1.55 16.69
N TRP A 200 14.22 -2.70 16.44
CA TRP A 200 15.45 -2.99 17.17
C TRP A 200 16.60 -2.11 16.73
N VAL A 201 16.74 -1.87 15.42
CA VAL A 201 17.83 -1.05 14.93
C VAL A 201 17.64 0.41 15.33
N PHE A 202 16.40 0.90 15.25
CA PHE A 202 16.11 2.26 15.71
C PHE A 202 16.34 2.39 17.20
N LEU A 203 16.15 1.30 17.96
CA LEU A 203 16.45 1.35 19.39
C LEU A 203 17.93 1.58 19.63
N VAL A 204 18.79 0.83 18.95
CA VAL A 204 20.23 1.01 19.11
C VAL A 204 20.67 2.36 18.53
N LEU A 205 20.03 2.80 17.45
CA LEU A 205 20.37 4.11 16.88
C LEU A 205 20.00 5.23 17.84
N ASP A 206 18.80 5.18 18.42
CA ASP A 206 18.37 6.24 19.32
C ASP A 206 19.22 6.29 20.58
N VAL A 207 19.59 5.12 21.12
CA VAL A 207 20.49 5.10 22.28
C VAL A 207 21.83 5.73 21.93
N LEU A 208 22.33 5.46 20.72
CA LEU A 208 23.58 6.08 20.29
C LEU A 208 23.41 7.57 20.01
N ALA A 209 22.24 7.97 19.49
CA ALA A 209 22.03 9.36 19.11
C ALA A 209 21.59 10.24 20.27
N LYS A 210 21.04 9.67 21.34
CA LYS A 210 20.51 10.45 22.43
C LYS A 210 21.19 10.20 23.77
N VAL A 211 21.80 9.03 23.97
CA VAL A 211 22.38 8.70 25.26
C VAL A 211 23.89 8.73 25.14
N VAL A 212 24.44 7.95 24.19
CA VAL A 212 25.89 7.87 24.05
C VAL A 212 26.44 9.18 23.51
N TYR A 213 25.80 9.75 22.48
CA TYR A 213 26.29 11.01 21.93
C TYR A 213 26.26 12.13 22.96
N ALA A 214 25.28 12.12 23.87
CA ALA A 214 25.19 13.16 24.87
C ALA A 214 26.43 13.18 25.76
N PHE A 215 27.08 12.03 25.96
CA PHE A 215 28.23 11.97 26.82
C PHE A 215 29.55 12.14 26.08
N THR A 216 29.63 11.73 24.81
CA THR A 216 30.83 12.00 24.03
C THR A 216 30.88 13.44 23.54
N SER A 217 29.73 14.04 23.26
CA SER A 217 29.71 15.45 22.87
C SER A 217 30.10 16.35 24.03
N GLU A 218 29.73 15.97 25.25
CA GLU A 218 30.14 16.73 26.42
C GLU A 218 31.62 16.56 26.69
N ARG A 219 32.15 15.35 26.50
CA ARG A 219 33.56 15.11 26.77
C ARG A 219 34.45 15.91 25.83
N ASN A 220 34.05 16.03 24.56
CA ASN A 220 34.84 16.81 23.62
C ASN A 220 34.81 18.29 23.97
N LEU A 221 33.63 18.83 24.28
CA LEU A 221 33.53 20.23 24.65
C LEU A 221 34.14 20.50 26.02
N ARG A 222 34.19 19.49 26.88
CA ARG A 222 34.77 19.65 28.21
C ARG A 222 36.25 20.00 28.13
N ALA A 223 36.97 19.47 27.12
CA ALA A 223 38.40 19.68 27.00
C ALA A 223 38.72 21.11 26.59
N VAL A 224 37.96 21.68 25.65
CA VAL A 224 38.15 23.06 25.21
C VAL A 224 37.97 24.00 26.40
N PRO A 225 38.77 25.10 26.52
CA PRO A 225 38.54 26.03 27.64
C PRO A 225 37.38 26.99 27.38
N VAL A 226 36.19 26.41 27.22
CA VAL A 226 34.94 27.17 27.10
C VAL A 226 33.80 26.18 26.99
N MET B 1 4.19 -10.91 -3.55
CA MET B 1 3.02 -11.50 -2.91
C MET B 1 1.90 -11.74 -3.91
N ILE B 2 1.60 -10.72 -4.72
CA ILE B 2 0.54 -10.86 -5.72
C ILE B 2 0.90 -11.89 -6.78
N GLN B 3 2.19 -12.27 -6.86
CA GLN B 3 2.60 -13.28 -7.83
C GLN B 3 2.03 -14.66 -7.50
N THR B 4 1.75 -14.92 -6.22
CA THR B 4 1.25 -16.24 -5.84
C THR B 4 -0.18 -16.48 -6.33
N PRO B 5 -1.16 -15.59 -6.10
CA PRO B 5 -2.51 -15.86 -6.61
C PRO B 5 -2.58 -15.88 -8.13
N LEU B 6 -1.79 -15.03 -8.80
CA LEU B 6 -1.82 -14.99 -10.26
C LEU B 6 -1.30 -16.29 -10.86
N LEU B 7 -0.23 -16.85 -10.28
CA LEU B 7 0.28 -18.13 -10.76
C LEU B 7 -0.70 -19.26 -10.45
N ILE B 8 -1.35 -19.20 -9.29
CA ILE B 8 -2.39 -20.17 -8.97
C ILE B 8 -3.55 -20.07 -9.95
N GLY B 9 -3.93 -18.84 -10.30
CA GLY B 9 -5.01 -18.67 -11.26
C GLY B 9 -4.66 -19.19 -12.63
N PHE B 10 -3.42 -18.96 -13.08
CA PHE B 10 -3.00 -19.46 -14.38
C PHE B 10 -3.05 -20.98 -14.45
N ILE B 11 -2.56 -21.65 -13.40
CA ILE B 11 -2.56 -23.12 -13.39
C ILE B 11 -3.99 -23.66 -13.31
N VAL B 12 -4.82 -23.07 -12.44
CA VAL B 12 -6.17 -23.58 -12.25
C VAL B 12 -7.02 -23.34 -13.51
N MET B 13 -6.90 -22.15 -14.10
CA MET B 13 -7.70 -21.86 -15.30
C MET B 13 -7.24 -22.68 -16.49
N ALA B 14 -5.94 -22.94 -16.60
CA ALA B 14 -5.42 -23.73 -17.72
C ALA B 14 -5.86 -25.18 -17.60
N LEU B 15 -5.70 -25.78 -16.41
CA LEU B 15 -6.15 -27.15 -16.21
C LEU B 15 -7.65 -27.28 -16.40
N ALA B 16 -8.42 -26.38 -15.78
CA ALA B 16 -9.88 -26.42 -15.89
C ALA B 16 -10.32 -26.23 -17.34
N SER B 17 -9.54 -25.48 -18.14
CA SER B 17 -9.87 -25.34 -19.55
C SER B 17 -9.91 -26.69 -20.25
N LEU B 18 -8.99 -27.59 -19.87
CA LEU B 18 -8.98 -28.95 -20.42
C LEU B 18 -9.99 -29.85 -19.72
N ALA B 19 -10.22 -29.65 -18.42
CA ALA B 19 -11.14 -30.52 -17.68
C ALA B 19 -12.58 -30.33 -18.10
N ILE B 20 -12.96 -29.10 -18.48
CA ILE B 20 -14.34 -28.86 -18.89
C ILE B 20 -14.61 -29.51 -20.25
N TYR B 21 -13.66 -29.43 -21.18
CA TYR B 21 -13.86 -30.04 -22.48
C TYR B 21 -13.93 -31.56 -22.38
N ILE B 22 -13.13 -32.17 -21.51
CA ILE B 22 -13.07 -33.62 -21.43
C ILE B 22 -14.28 -34.18 -20.68
N LYS B 23 -14.45 -33.76 -19.41
CA LYS B 23 -15.55 -34.25 -18.60
C LYS B 23 -16.90 -33.66 -18.99
N GLY B 24 -16.90 -32.58 -19.76
CA GLY B 24 -18.15 -31.96 -20.17
C GLY B 24 -18.92 -32.81 -21.16
N ALA B 25 -20.20 -32.48 -21.32
CA ALA B 25 -21.08 -33.21 -22.20
C ALA B 25 -20.90 -32.77 -23.65
N HIS B 26 -21.01 -33.73 -24.57
CA HIS B 26 -20.95 -33.48 -26.00
C HIS B 26 -22.28 -33.86 -26.66
N TYR B 27 -23.38 -33.53 -25.98
CA TYR B 27 -24.72 -33.93 -26.41
C TYR B 27 -25.50 -32.70 -26.84
N GLY B 28 -25.93 -32.69 -28.10
CA GLY B 28 -26.88 -31.71 -28.60
C GLY B 28 -26.54 -30.27 -28.27
N PRO B 29 -27.52 -29.55 -27.72
CA PRO B 29 -27.27 -28.14 -27.35
C PRO B 29 -26.20 -28.00 -26.28
N LEU B 30 -26.03 -29.00 -25.40
CA LEU B 30 -25.00 -28.95 -24.40
C LEU B 30 -23.59 -29.03 -24.98
N LEU B 31 -23.46 -29.53 -26.22
CA LEU B 31 -22.16 -29.55 -26.88
C LEU B 31 -21.63 -28.12 -27.05
N GLY B 32 -22.49 -27.20 -27.49
CA GLY B 32 -22.10 -25.80 -27.52
C GLY B 32 -22.04 -25.15 -26.16
N HIS B 33 -22.66 -25.77 -25.16
CA HIS B 33 -22.58 -25.26 -23.79
C HIS B 33 -21.20 -25.50 -23.20
N THR B 34 -20.69 -26.74 -23.31
CA THR B 34 -19.37 -27.03 -22.76
C THR B 34 -18.26 -26.45 -23.63
N LEU B 35 -18.50 -26.32 -24.94
CA LEU B 35 -17.51 -25.70 -25.81
C LEU B 35 -17.28 -24.24 -25.45
N ILE B 36 -18.35 -23.52 -25.14
CA ILE B 36 -18.21 -22.14 -24.69
C ILE B 36 -17.61 -22.09 -23.30
N HIS B 37 -18.10 -22.94 -22.39
CA HIS B 37 -17.55 -22.98 -21.03
C HIS B 37 -16.13 -23.50 -20.98
N ALA B 38 -15.61 -24.07 -22.07
CA ALA B 38 -14.21 -24.47 -22.10
C ALA B 38 -13.30 -23.34 -22.58
N ALA B 39 -13.79 -22.48 -23.47
CA ALA B 39 -12.99 -21.34 -23.91
C ALA B 39 -12.87 -20.28 -22.81
N VAL B 40 -13.89 -20.15 -21.97
CA VAL B 40 -13.88 -19.11 -20.94
C VAL B 40 -12.65 -19.20 -20.03
N PRO B 41 -12.33 -20.35 -19.42
CA PRO B 41 -11.11 -20.43 -18.61
C PRO B 41 -9.84 -20.26 -19.43
N PHE B 42 -9.87 -20.55 -20.73
CA PHE B 42 -8.68 -20.34 -21.55
C PHE B 42 -8.38 -18.87 -21.72
N ILE B 43 -9.43 -18.05 -21.94
CA ILE B 43 -9.24 -16.61 -22.01
C ILE B 43 -8.77 -16.07 -20.65
N ALA B 44 -9.32 -16.63 -19.56
CA ALA B 44 -8.90 -16.22 -18.23
C ALA B 44 -7.47 -16.65 -17.95
N ALA B 45 -7.13 -17.91 -18.27
CA ALA B 45 -5.78 -18.39 -18.06
C ALA B 45 -4.75 -17.50 -18.75
N THR B 46 -5.03 -17.12 -20.01
CA THR B 46 -4.13 -16.22 -20.73
C THR B 46 -3.98 -14.91 -19.98
N ALA B 47 -5.08 -14.39 -19.43
CA ALA B 47 -5.01 -13.14 -18.69
C ALA B 47 -4.21 -13.27 -17.41
N TYR B 48 -4.37 -14.39 -16.70
CA TYR B 48 -3.57 -14.61 -15.50
C TYR B 48 -2.10 -14.80 -15.84
N LEU B 49 -1.79 -15.26 -17.04
CA LEU B 49 -0.40 -15.35 -17.47
C LEU B 49 0.19 -13.96 -17.67
N CYS B 50 -0.59 -13.04 -18.24
CA CYS B 50 -0.11 -11.69 -18.48
C CYS B 50 0.01 -10.90 -17.18
N MET B 51 -1.02 -11.00 -16.31
CA MET B 51 -0.96 -10.31 -15.02
C MET B 51 0.18 -10.83 -14.17
N TYR B 52 0.47 -12.13 -14.23
CA TYR B 52 1.58 -12.69 -13.49
C TYR B 52 2.91 -12.13 -14.00
N LEU B 53 3.13 -12.17 -15.31
CA LEU B 53 4.33 -11.64 -15.92
C LEU B 53 4.32 -10.12 -16.07
N GLY B 54 3.39 -9.43 -15.39
CA GLY B 54 3.39 -7.99 -15.40
C GLY B 54 2.99 -7.34 -16.71
N VAL B 55 2.35 -8.09 -17.60
CA VAL B 55 1.94 -7.55 -18.89
C VAL B 55 0.59 -6.86 -18.73
N GLY B 56 0.59 -5.53 -18.78
CA GLY B 56 -0.61 -4.74 -18.63
C GLY B 56 -0.83 -4.15 -17.26
N ASN B 57 0.02 -4.48 -16.29
CA ASN B 57 -0.11 -3.93 -14.95
C ASN B 57 0.26 -2.45 -14.95
N LEU B 58 -0.71 -1.59 -14.69
CA LEU B 58 -0.52 -0.14 -14.68
C LEU B 58 -0.49 0.37 -13.25
N ILE B 59 0.60 1.03 -12.89
CA ILE B 59 0.78 1.59 -11.55
C ILE B 59 0.72 3.10 -11.67
N LYS B 60 -0.30 3.71 -11.06
CA LYS B 60 -0.43 5.16 -11.11
C LYS B 60 0.52 5.82 -10.11
N VAL B 61 0.53 7.15 -10.11
CA VAL B 61 1.45 7.90 -9.26
C VAL B 61 1.14 7.66 -7.79
N ASP B 62 -0.14 7.64 -7.42
CA ASP B 62 -0.53 7.42 -6.04
C ASP B 62 -0.23 6.00 -5.57
N GLY B 63 -0.10 5.05 -6.48
CA GLY B 63 0.15 3.66 -6.15
C GLY B 63 -0.97 2.73 -6.53
N SER B 64 -2.14 3.25 -6.89
CA SER B 64 -3.25 2.42 -7.31
C SER B 64 -2.87 1.59 -8.54
N VAL B 65 -3.34 0.35 -8.56
CA VAL B 65 -2.99 -0.60 -9.61
C VAL B 65 -4.22 -0.85 -10.48
N THR B 66 -4.00 -1.01 -11.78
CA THR B 66 -5.05 -1.39 -12.72
C THR B 66 -4.50 -2.50 -13.60
N TYR B 67 -5.13 -3.67 -13.51
CA TYR B 67 -4.72 -4.85 -14.28
C TYR B 67 -5.46 -4.84 -15.62
N LEU B 68 -4.76 -4.45 -16.68
CA LEU B 68 -5.38 -4.38 -18.01
C LEU B 68 -5.83 -5.75 -18.49
N ALA B 69 -5.01 -6.78 -18.27
CA ALA B 69 -5.37 -8.12 -18.74
C ALA B 69 -6.64 -8.62 -18.07
N ARG B 70 -6.92 -8.17 -16.85
CA ARG B 70 -8.13 -8.60 -16.15
C ARG B 70 -9.38 -8.09 -16.85
N TYR B 71 -9.32 -6.87 -17.38
CA TYR B 71 -10.50 -6.31 -18.04
C TYR B 71 -10.68 -6.86 -19.44
N VAL B 72 -9.58 -7.12 -20.17
CA VAL B 72 -9.70 -7.80 -21.44
C VAL B 72 -10.22 -9.22 -21.23
N ASP B 73 -9.87 -9.83 -20.09
CA ASP B 73 -10.46 -11.10 -19.70
C ASP B 73 -11.98 -10.96 -19.61
N TRP B 74 -12.45 -10.04 -18.76
CA TRP B 74 -13.88 -9.89 -18.53
C TRP B 74 -14.62 -9.40 -19.77
N ALA B 75 -13.96 -8.58 -20.61
CA ALA B 75 -14.60 -8.08 -21.82
C ALA B 75 -14.93 -9.20 -22.80
N PHE B 76 -14.32 -10.36 -22.66
CA PHE B 76 -14.57 -11.49 -23.53
C PHE B 76 -15.18 -12.69 -22.82
N THR B 77 -14.94 -12.87 -21.53
CA THR B 77 -15.49 -14.04 -20.83
C THR B 77 -16.93 -13.80 -20.39
N THR B 78 -17.24 -12.61 -19.89
CA THR B 78 -18.59 -12.32 -19.43
C THR B 78 -19.59 -12.31 -20.59
N PRO B 79 -19.26 -11.79 -21.79
CA PRO B 79 -20.21 -11.95 -22.91
C PRO B 79 -20.46 -13.39 -23.29
N LEU B 80 -19.43 -14.24 -23.22
CA LEU B 80 -19.62 -15.65 -23.55
C LEU B 80 -20.49 -16.34 -22.50
N LEU B 81 -20.31 -16.00 -21.23
CA LEU B 81 -21.17 -16.57 -20.19
C LEU B 81 -22.61 -16.10 -20.35
N LEU B 82 -22.82 -14.82 -20.68
CA LEU B 82 -24.18 -14.35 -20.89
C LEU B 82 -24.79 -14.91 -22.16
N ALA B 83 -23.98 -15.13 -23.20
CA ALA B 83 -24.49 -15.77 -24.41
C ALA B 83 -24.96 -17.19 -24.12
N GLY B 84 -24.21 -17.94 -23.30
CA GLY B 84 -24.59 -19.29 -22.98
C GLY B 84 -25.83 -19.38 -22.11
N VAL B 85 -26.01 -18.40 -21.22
CA VAL B 85 -27.22 -18.35 -20.41
C VAL B 85 -28.44 -18.04 -21.26
N VAL B 86 -28.31 -17.07 -22.17
CA VAL B 86 -29.43 -16.74 -23.05
C VAL B 86 -29.70 -17.88 -24.02
N SER B 87 -28.64 -18.49 -24.57
CA SER B 87 -28.85 -19.62 -25.47
C SER B 87 -29.48 -20.80 -24.75
N SER B 88 -29.17 -21.00 -23.48
CA SER B 88 -29.75 -22.12 -22.74
C SER B 88 -31.26 -21.95 -22.56
N ALA B 89 -31.73 -20.71 -22.50
CA ALA B 89 -33.17 -20.47 -22.36
C ALA B 89 -33.96 -20.85 -23.60
N TYR B 90 -33.29 -21.11 -24.72
CA TYR B 90 -33.93 -21.51 -25.96
C TYR B 90 -33.75 -22.99 -26.27
N TYR B 91 -33.25 -23.77 -25.32
CA TYR B 91 -32.94 -25.17 -25.60
C TYR B 91 -34.21 -25.98 -25.81
N GLY B 92 -34.26 -26.71 -26.93
CA GLY B 92 -35.34 -27.62 -27.23
C GLY B 92 -36.39 -27.09 -28.19
N THR B 93 -36.37 -25.80 -28.51
CA THR B 93 -37.39 -25.21 -29.35
C THR B 93 -36.79 -24.57 -30.60
N ARG B 94 -37.55 -24.61 -31.69
CA ARG B 94 -37.20 -23.98 -32.95
C ARG B 94 -38.25 -22.98 -33.39
N ASP B 95 -39.14 -22.57 -32.48
CA ASP B 95 -40.29 -21.73 -32.81
C ASP B 95 -40.30 -20.43 -32.02
N LEU B 96 -39.18 -20.07 -31.41
CA LEU B 96 -39.09 -18.89 -30.57
C LEU B 96 -38.13 -17.87 -31.18
N TYR B 97 -38.57 -16.62 -31.27
CA TYR B 97 -37.78 -15.55 -31.84
C TYR B 97 -36.96 -14.84 -30.76
N GLY B 98 -36.06 -13.96 -31.22
CA GLY B 98 -35.32 -13.07 -30.34
C GLY B 98 -34.09 -13.66 -29.70
N LYS B 99 -33.69 -14.89 -30.06
CA LYS B 99 -32.50 -15.48 -29.47
C LYS B 99 -31.26 -14.64 -29.76
N SER B 100 -31.02 -14.37 -31.04
CA SER B 100 -29.89 -13.53 -31.42
C SER B 100 -30.08 -12.08 -31.00
N GLY B 101 -31.33 -11.65 -30.81
CA GLY B 101 -31.57 -10.30 -30.33
C GLY B 101 -31.15 -10.11 -28.88
N TYR B 102 -31.53 -11.05 -28.02
CA TYR B 102 -31.15 -10.93 -26.61
C TYR B 102 -29.65 -11.14 -26.41
N ILE B 103 -29.02 -11.96 -27.24
CA ILE B 103 -27.57 -12.11 -27.17
C ILE B 103 -26.89 -10.81 -27.56
N THR B 104 -27.34 -10.20 -28.67
CA THR B 104 -26.76 -8.93 -29.10
C THR B 104 -26.97 -7.83 -28.07
N ALA B 105 -28.16 -7.78 -27.46
CA ALA B 105 -28.43 -6.71 -26.51
C ALA B 105 -27.67 -6.91 -25.20
N ILE B 106 -27.65 -8.14 -24.68
CA ILE B 106 -27.01 -8.38 -23.39
C ILE B 106 -25.49 -8.28 -23.49
N VAL B 107 -24.92 -8.49 -24.68
CA VAL B 107 -23.48 -8.31 -24.84
C VAL B 107 -23.13 -6.82 -24.92
N THR B 108 -23.95 -6.04 -25.62
CA THR B 108 -23.74 -4.59 -25.65
C THR B 108 -23.84 -3.98 -24.26
N LEU B 109 -24.70 -4.52 -23.41
CA LEU B 109 -24.81 -4.02 -22.04
C LEU B 109 -23.63 -4.48 -21.20
N ASP B 110 -23.14 -5.70 -21.43
CA ASP B 110 -22.06 -6.25 -20.62
C ASP B 110 -20.70 -5.68 -21.02
N VAL B 111 -20.44 -5.54 -22.33
CA VAL B 111 -19.18 -4.96 -22.78
C VAL B 111 -19.06 -3.52 -22.29
N ILE B 112 -20.15 -2.76 -22.33
CA ILE B 112 -20.13 -1.40 -21.81
C ILE B 112 -19.90 -1.42 -20.30
N MET B 113 -20.46 -2.41 -19.60
CA MET B 113 -20.21 -2.53 -18.17
C MET B 113 -18.72 -2.70 -17.89
N ILE B 114 -18.06 -3.59 -18.64
CA ILE B 114 -16.65 -3.87 -18.40
C ILE B 114 -15.79 -2.68 -18.83
N VAL B 115 -16.14 -2.04 -19.94
CA VAL B 115 -15.32 -0.93 -20.46
C VAL B 115 -15.40 0.27 -19.51
N THR B 116 -16.60 0.61 -19.05
CA THR B 116 -16.72 1.73 -18.12
C THR B 116 -16.06 1.40 -16.78
N GLY B 117 -16.01 0.12 -16.40
CA GLY B 117 -15.28 -0.26 -15.21
C GLY B 117 -13.78 -0.03 -15.34
N LEU B 118 -13.23 -0.26 -16.53
CA LEU B 118 -11.82 0.04 -16.76
C LEU B 118 -11.57 1.54 -16.74
N ILE B 119 -12.46 2.32 -17.35
CA ILE B 119 -12.31 3.78 -17.35
C ILE B 119 -12.43 4.32 -15.93
N ALA B 120 -13.35 3.78 -15.14
CA ALA B 120 -13.45 4.18 -13.75
C ALA B 120 -12.20 3.79 -12.97
N SER B 121 -11.56 2.68 -13.34
CA SER B 121 -10.34 2.27 -12.68
C SER B 121 -9.17 3.19 -13.03
N LEU B 122 -9.04 3.55 -14.31
CA LEU B 122 -7.90 4.35 -14.76
C LEU B 122 -7.98 5.80 -14.27
N ALA B 123 -9.18 6.30 -13.99
CA ALA B 123 -9.35 7.68 -13.54
C ALA B 123 -8.94 7.84 -12.08
N PRO B 124 -8.44 9.01 -11.70
CA PRO B 124 -8.12 9.25 -10.28
C PRO B 124 -9.39 9.30 -9.44
N TYR B 125 -9.19 9.21 -8.12
CA TYR B 125 -10.31 9.23 -7.20
C TYR B 125 -11.01 10.59 -7.24
N GLY B 126 -12.27 10.59 -7.68
CA GLY B 126 -13.01 11.83 -7.77
C GLY B 126 -14.41 11.57 -8.31
N VAL B 127 -14.99 12.62 -8.89
CA VAL B 127 -16.33 12.49 -9.44
C VAL B 127 -16.30 11.71 -10.76
N ILE B 128 -15.23 11.85 -11.54
CA ILE B 128 -15.14 11.14 -12.81
C ILE B 128 -15.13 9.62 -12.59
N LYS B 129 -14.36 9.16 -11.60
CA LYS B 129 -14.26 7.73 -11.33
C LYS B 129 -15.62 7.14 -10.97
N TRP B 130 -16.35 7.80 -10.08
CA TRP B 130 -17.61 7.25 -9.59
C TRP B 130 -18.77 7.49 -10.56
N VAL B 131 -18.63 8.41 -11.52
CA VAL B 131 -19.66 8.55 -12.54
C VAL B 131 -19.68 7.33 -13.45
N PHE B 132 -18.51 6.89 -13.90
CA PHE B 132 -18.45 5.68 -14.71
C PHE B 132 -18.72 4.43 -13.89
N PHE B 133 -18.47 4.47 -12.58
CA PHE B 133 -18.89 3.38 -11.72
C PHE B 133 -20.41 3.28 -11.69
N ALA B 134 -21.10 4.44 -11.61
CA ALA B 134 -22.55 4.43 -11.63
C ALA B 134 -23.10 3.97 -12.98
N TRP B 135 -22.50 4.43 -14.08
CA TRP B 135 -22.97 4.00 -15.39
C TRP B 135 -22.70 2.52 -15.61
N SER B 136 -21.62 1.99 -15.00
CA SER B 136 -21.33 0.57 -15.11
C SER B 136 -22.38 -0.26 -14.38
N CYS B 137 -22.81 0.19 -13.19
CA CYS B 137 -23.85 -0.53 -12.45
C CYS B 137 -25.19 -0.45 -13.15
N ALA B 138 -25.49 0.68 -13.82
CA ALA B 138 -26.73 0.78 -14.58
C ALA B 138 -26.77 -0.27 -15.67
N ALA B 139 -25.67 -0.41 -16.43
CA ALA B 139 -25.58 -1.47 -17.42
C ALA B 139 -25.64 -2.84 -16.78
N PHE B 140 -25.10 -2.99 -15.57
CA PHE B 140 -25.23 -4.25 -14.84
C PHE B 140 -26.69 -4.54 -14.52
N ALA B 141 -27.44 -3.52 -14.09
CA ALA B 141 -28.87 -3.71 -13.82
C ALA B 141 -29.61 -4.14 -15.08
N GLY B 142 -29.31 -3.50 -16.21
CA GLY B 142 -29.94 -3.90 -17.46
C GLY B 142 -29.60 -5.33 -17.85
N VAL B 143 -28.37 -5.75 -17.59
CA VAL B 143 -28.00 -7.15 -17.84
C VAL B 143 -28.84 -8.08 -16.98
N LEU B 144 -28.96 -7.74 -15.69
CA LEU B 144 -29.75 -8.55 -14.78
C LEU B 144 -31.24 -8.45 -15.09
N TYR B 145 -31.70 -7.31 -15.62
CA TYR B 145 -33.10 -7.18 -15.97
C TYR B 145 -33.49 -8.16 -17.08
N LEU B 146 -32.68 -8.22 -18.14
CA LEU B 146 -32.95 -9.14 -19.24
C LEU B 146 -32.90 -10.58 -18.77
N LEU B 147 -31.91 -10.92 -17.94
CA LEU B 147 -31.80 -12.28 -17.43
C LEU B 147 -33.04 -12.69 -16.64
N TRP B 148 -33.65 -11.76 -15.92
CA TRP B 148 -34.75 -12.15 -15.03
C TRP B 148 -36.12 -11.97 -15.69
N LYS B 149 -36.42 -10.79 -16.24
CA LYS B 149 -37.78 -10.60 -16.74
C LYS B 149 -37.96 -11.19 -18.14
N PRO B 150 -37.42 -10.60 -19.24
CA PRO B 150 -37.82 -11.07 -20.57
C PRO B 150 -37.29 -12.44 -20.96
N VAL B 151 -36.02 -12.72 -20.67
CA VAL B 151 -35.41 -13.97 -21.14
C VAL B 151 -35.94 -15.16 -20.35
N ALA B 152 -36.14 -15.00 -19.04
CA ALA B 152 -36.67 -16.07 -18.20
C ALA B 152 -38.12 -16.39 -18.55
N SER B 153 -38.86 -15.39 -19.05
CA SER B 153 -40.22 -15.63 -19.51
C SER B 153 -40.23 -16.53 -20.73
N ILE B 154 -39.19 -16.44 -21.56
CA ILE B 154 -39.06 -17.34 -22.69
C ILE B 154 -38.65 -18.73 -22.22
N ALA B 155 -37.76 -18.79 -21.22
CA ALA B 155 -37.39 -20.07 -20.65
C ALA B 155 -38.57 -20.74 -19.97
N SER B 156 -39.54 -19.95 -19.49
CA SER B 156 -40.76 -20.50 -18.91
C SER B 156 -41.82 -20.81 -19.96
N GLN B 157 -41.70 -20.25 -21.17
CA GLN B 157 -42.63 -20.59 -22.23
C GLN B 157 -42.55 -22.07 -22.59
N GLN B 158 -41.36 -22.66 -22.47
CA GLN B 158 -41.19 -24.08 -22.70
C GLN B 158 -40.77 -24.76 -21.40
N PRO B 159 -41.38 -25.88 -21.04
CA PRO B 159 -40.95 -26.60 -19.84
C PRO B 159 -40.06 -27.80 -20.17
N GLY B 160 -39.28 -28.27 -19.20
CA GLY B 160 -39.18 -27.67 -17.88
C GLY B 160 -37.82 -27.07 -17.66
N VAL B 161 -37.33 -26.34 -18.66
CA VAL B 161 -36.02 -25.69 -18.56
C VAL B 161 -36.05 -24.45 -17.66
N SER B 162 -37.25 -23.97 -17.31
CA SER B 162 -37.34 -22.80 -16.45
C SER B 162 -36.70 -23.03 -15.09
N PRO B 163 -36.89 -24.16 -14.40
CA PRO B 163 -36.14 -24.39 -13.15
C PRO B 163 -34.64 -24.37 -13.35
N ALA B 164 -34.12 -25.09 -14.34
CA ALA B 164 -32.68 -25.14 -14.55
C ALA B 164 -32.12 -23.76 -14.94
N TYR B 165 -32.89 -22.97 -15.68
CA TYR B 165 -32.44 -21.63 -16.06
C TYR B 165 -32.36 -20.73 -14.83
N ARG B 166 -33.42 -20.70 -14.02
CA ARG B 166 -33.43 -19.84 -12.84
C ARG B 166 -32.41 -20.30 -11.81
N ARG B 167 -32.12 -21.60 -11.75
CA ARG B 167 -31.10 -22.08 -10.84
C ARG B 167 -29.71 -21.61 -11.29
N ASN B 168 -29.47 -21.52 -12.60
CA ASN B 168 -28.20 -21.01 -13.09
C ASN B 168 -28.13 -19.49 -13.06
N VAL B 169 -29.26 -18.80 -13.27
CA VAL B 169 -29.26 -17.35 -13.21
C VAL B 169 -29.08 -16.87 -11.78
N GLY B 170 -29.76 -17.51 -10.82
CA GLY B 170 -29.59 -17.14 -9.43
C GLY B 170 -28.16 -17.32 -8.95
N PHE B 171 -27.52 -18.41 -9.38
CA PHE B 171 -26.11 -18.61 -9.06
C PHE B 171 -25.24 -17.54 -9.70
N LEU B 172 -25.49 -17.23 -10.97
CA LEU B 172 -24.69 -16.25 -11.68
C LEU B 172 -24.87 -14.85 -11.09
N THR B 173 -26.10 -14.49 -10.72
CA THR B 173 -26.37 -13.13 -10.26
C THR B 173 -25.70 -12.85 -8.93
N VAL B 174 -25.66 -13.84 -8.04
CA VAL B 174 -25.06 -13.63 -6.73
C VAL B 174 -23.55 -13.46 -6.85
N LEU B 175 -22.91 -14.24 -7.72
CA LEU B 175 -21.46 -14.14 -7.86
C LEU B 175 -21.05 -12.85 -8.55
N TRP B 176 -21.73 -12.50 -9.64
CA TRP B 176 -21.35 -11.31 -10.41
C TRP B 176 -21.62 -10.02 -9.64
N LEU B 177 -22.54 -10.04 -8.68
CA LEU B 177 -22.80 -8.85 -7.86
C LEU B 177 -21.67 -8.58 -6.89
N ILE B 178 -20.83 -9.57 -6.61
CA ILE B 178 -19.70 -9.36 -5.70
C ILE B 178 -18.62 -8.51 -6.38
N TYR B 179 -18.47 -8.65 -7.70
CA TYR B 179 -17.41 -7.93 -8.40
C TYR B 179 -17.44 -6.42 -8.21
N PRO B 180 -18.59 -5.73 -8.32
CA PRO B 180 -18.58 -4.30 -7.96
C PRO B 180 -18.29 -4.05 -6.49
N VAL B 181 -18.64 -4.98 -5.60
CA VAL B 181 -18.30 -4.81 -4.19
C VAL B 181 -16.78 -4.84 -4.01
N VAL B 182 -16.10 -5.77 -4.69
CA VAL B 182 -14.65 -5.87 -4.59
C VAL B 182 -13.98 -4.68 -5.25
N PHE B 183 -14.57 -4.14 -6.33
CA PHE B 183 -14.02 -2.97 -7.00
C PHE B 183 -14.02 -1.76 -6.08
N ALA B 184 -15.14 -1.51 -5.39
CA ALA B 184 -15.24 -0.33 -4.55
C ALA B 184 -14.30 -0.39 -3.35
N VAL B 185 -14.17 -1.57 -2.73
CA VAL B 185 -13.36 -1.69 -1.53
C VAL B 185 -11.88 -1.65 -1.87
N GLY B 186 -11.51 -2.06 -3.08
CA GLY B 186 -10.11 -2.12 -3.46
C GLY B 186 -9.59 -0.76 -3.84
N PRO B 187 -8.29 -0.72 -4.18
CA PRO B 187 -7.67 0.56 -4.59
C PRO B 187 -8.31 1.16 -5.82
N GLU B 188 -8.96 0.35 -6.66
CA GLU B 188 -9.69 0.89 -7.80
C GLU B 188 -10.83 1.78 -7.38
N GLY B 189 -11.21 1.76 -6.10
CA GLY B 189 -12.28 2.61 -5.61
C GLY B 189 -11.94 3.28 -4.29
N PHE B 190 -12.53 2.78 -3.19
CA PHE B 190 -12.29 3.33 -1.87
C PHE B 190 -10.91 3.01 -1.33
N TRP B 191 -10.34 1.87 -1.72
CA TRP B 191 -9.03 1.43 -1.22
C TRP B 191 -9.09 1.07 0.26
N ALA B 192 -10.22 0.49 0.69
CA ALA B 192 -10.36 0.05 2.07
C ALA B 192 -9.60 -1.23 2.35
N VAL B 193 -9.24 -1.98 1.30
CA VAL B 193 -8.44 -3.19 1.44
C VAL B 193 -7.23 -3.08 0.52
N SER B 194 -6.23 -3.92 0.81
CA SER B 194 -4.99 -3.89 0.06
C SER B 194 -5.20 -4.41 -1.36
N ASP B 195 -4.23 -4.10 -2.23
CA ASP B 195 -4.28 -4.60 -3.60
C ASP B 195 -4.22 -6.13 -3.62
N ALA B 196 -3.38 -6.72 -2.76
CA ALA B 196 -3.26 -8.18 -2.71
C ALA B 196 -4.56 -8.84 -2.30
N THR B 197 -5.36 -8.18 -1.46
CA THR B 197 -6.64 -8.75 -1.06
C THR B 197 -7.58 -8.85 -2.26
N THR B 198 -7.60 -7.83 -3.12
CA THR B 198 -8.44 -7.87 -4.31
C THR B 198 -8.01 -8.97 -5.26
N VAL B 199 -6.70 -9.19 -5.39
CA VAL B 199 -6.20 -10.25 -6.27
C VAL B 199 -6.68 -11.61 -5.78
N TRP B 200 -6.68 -11.82 -4.46
CA TRP B 200 -7.11 -13.10 -3.91
C TRP B 200 -8.62 -13.30 -4.07
N VAL B 201 -9.40 -12.27 -3.74
CA VAL B 201 -10.85 -12.41 -3.76
C VAL B 201 -11.35 -12.58 -5.19
N PHE B 202 -10.81 -11.80 -6.13
CA PHE B 202 -11.17 -11.97 -7.53
C PHE B 202 -10.80 -13.37 -8.03
N LEU B 203 -9.69 -13.93 -7.54
CA LEU B 203 -9.34 -15.30 -7.89
C LEU B 203 -10.40 -16.28 -7.38
N VAL B 204 -10.88 -16.08 -6.16
CA VAL B 204 -11.92 -16.96 -5.63
C VAL B 204 -13.23 -16.76 -6.40
N LEU B 205 -13.53 -15.52 -6.78
CA LEU B 205 -14.73 -15.26 -7.57
C LEU B 205 -14.60 -15.84 -8.97
N ASP B 206 -13.42 -15.72 -9.59
CA ASP B 206 -13.22 -16.22 -10.94
C ASP B 206 -13.30 -17.74 -10.99
N VAL B 207 -12.63 -18.42 -10.05
CA VAL B 207 -12.71 -19.88 -10.01
C VAL B 207 -14.15 -20.33 -9.80
N LEU B 208 -14.93 -19.56 -9.04
CA LEU B 208 -16.33 -19.90 -8.84
C LEU B 208 -17.15 -19.63 -10.10
N ALA B 209 -16.83 -18.55 -10.82
CA ALA B 209 -17.61 -18.14 -11.99
C ALA B 209 -17.21 -18.87 -13.26
N LYS B 210 -15.93 -19.18 -13.44
CA LYS B 210 -15.45 -19.76 -14.69
C LYS B 210 -15.25 -21.26 -14.64
N VAL B 211 -15.08 -21.84 -13.46
CA VAL B 211 -14.87 -23.27 -13.30
C VAL B 211 -16.05 -23.93 -12.59
N VAL B 212 -16.39 -23.44 -11.39
CA VAL B 212 -17.46 -24.05 -10.60
C VAL B 212 -18.81 -23.87 -11.29
N TYR B 213 -19.05 -22.71 -11.89
CA TYR B 213 -20.31 -22.49 -12.60
C TYR B 213 -20.43 -23.37 -13.84
N ALA B 214 -19.31 -23.77 -14.44
CA ALA B 214 -19.36 -24.61 -15.62
C ALA B 214 -19.98 -25.97 -15.30
N PHE B 215 -19.48 -26.63 -14.25
CA PHE B 215 -20.02 -27.94 -13.89
C PHE B 215 -21.40 -27.81 -13.26
N THR B 216 -21.66 -26.72 -12.54
CA THR B 216 -22.96 -26.54 -11.90
C THR B 216 -24.05 -26.24 -12.93
N SER B 217 -23.76 -25.34 -13.88
CA SER B 217 -24.74 -25.01 -14.90
C SER B 217 -25.04 -26.20 -15.80
N GLU B 218 -24.01 -27.01 -16.09
CA GLU B 218 -24.22 -28.18 -16.94
C GLU B 218 -25.06 -29.23 -16.24
N ARG B 219 -24.82 -29.48 -14.96
CA ARG B 219 -25.57 -30.52 -14.25
C ARG B 219 -27.03 -30.11 -14.08
N ASN B 220 -27.29 -28.86 -13.71
CA ASN B 220 -28.68 -28.39 -13.64
C ASN B 220 -29.35 -28.49 -14.99
N LEU B 221 -28.63 -28.15 -16.06
CA LEU B 221 -29.15 -28.24 -17.42
C LEU B 221 -29.14 -29.66 -17.96
N ARG B 222 -28.48 -30.60 -17.26
CA ARG B 222 -28.49 -32.00 -17.68
C ARG B 222 -29.75 -32.71 -17.22
N ALA B 223 -30.14 -32.51 -15.95
CA ALA B 223 -31.32 -33.13 -15.39
C ALA B 223 -32.61 -32.63 -16.04
N VAL B 224 -32.55 -31.54 -16.78
CA VAL B 224 -33.68 -30.99 -17.51
C VAL B 224 -33.94 -31.90 -18.71
N PRO B 225 -35.17 -31.92 -19.29
CA PRO B 225 -35.35 -32.80 -20.47
C PRO B 225 -34.78 -32.20 -21.75
N VAL B 226 -33.46 -32.12 -21.83
CA VAL B 226 -32.80 -31.68 -23.06
C VAL B 226 -31.51 -32.45 -23.31
C1 RET C . 13.67 9.81 7.22
C2 RET C . 12.92 9.63 5.91
C3 RET C . 13.78 9.17 4.80
C4 RET C . 14.84 10.24 4.54
C5 RET C . 15.47 10.77 5.80
C6 RET C . 15.04 10.47 7.04
C7 RET C . 15.88 10.81 8.18
C8 RET C . 15.68 10.54 9.52
C9 RET C . 16.49 10.88 10.59
C10 RET C . 16.12 10.55 11.91
C11 RET C . 16.81 10.79 13.10
C12 RET C . 16.39 10.45 14.37
C13 RET C . 17.04 10.66 15.60
C14 RET C . 16.44 10.34 16.82
C15 RET C . 17.01 10.63 18.11
C16 RET C . 12.76 10.64 8.14
C17 RET C . 13.83 8.40 7.84
C18 RET C . 16.66 11.66 5.52
C19 RET C . 17.77 11.61 10.40
C20 RET C . 18.40 11.25 15.57
C1 OLB D . 14.16 -9.69 15.13
C2 OLB D . 15.48 -9.34 14.50
C3 OLB D . 16.15 -8.17 15.13
C4 OLB D . 17.55 -7.93 14.58
C5 OLB D . 18.22 -6.67 15.07
O19 OLB D . 13.74 -9.23 16.16
O20 OLB D . 13.45 -10.53 14.38
C21 OLB D . 12.07 -10.72 14.75
C22 OLB D . 11.42 -11.69 13.79
O23 OLB D . 11.67 -11.27 12.45
C24 OLB D . 11.87 -13.12 13.98
O25 OLB D . 11.18 -14.02 13.11
C6 OLB D . 19.62 -6.48 14.53
C7 OLB D . 20.21 -5.09 14.74
C8 OLB D . 20.64 -4.77 16.14
C9 OLB D . 21.35 -3.46 16.22
C10 OLB D . 21.45 -2.61 15.23
C11 OLB D . 22.30 -1.38 15.14
C12 OLB D . 23.17 -1.37 13.92
C13 OLB D . 23.99 -0.11 13.71
C14 OLB D . 24.95 0.20 14.83
C15 OLB D . 26.04 1.18 14.46
C16 OLB D . 25.55 2.49 13.90
C17 OLB D . 26.65 3.42 13.45
C18 OLB D . 27.58 3.85 14.56
C18 OLC E . 13.48 23.71 18.37
C10 OLC E . 5.89 19.88 12.87
C9 OLC E . 4.68 20.05 12.37
C17 OLC E . 12.04 23.28 18.29
C11 OLC E . 6.38 20.36 14.19
C8 OLC E . 4.15 19.43 11.11
C24 OLC E . -3.78 10.38 10.20
C16 OLC E . 11.53 23.00 16.89
C12 OLC E . 7.66 21.16 14.13
C7 OLC E . 2.65 19.27 11.12
C15 OLC E . 10.08 22.56 16.85
C13 OLC E . 8.18 21.59 15.50
C6 OLC E . 2.09 18.50 9.92
C14 OLC E . 9.57 22.19 15.47
C5 OLC E . 2.64 17.11 9.75
C4 OLC E . 2.02 16.33 8.60
C3 OLC E . 0.71 15.65 8.92
C2 OLC E . 0.88 14.27 9.47
C21 OLC E . -1.97 12.13 10.41
C1 OLC E . -0.31 13.77 10.24
C22 OLC E . -2.39 10.81 9.79
O19 OLC E . -0.79 14.33 11.19
O25 OLC E . -4.21 9.24 9.46
O23 OLC E . -2.29 10.89 8.37
O20 OLC E . -0.77 12.61 9.78
C18 OLC F . 13.54 28.09 23.56
C10 OLC F . 8.37 19.91 22.80
C9 OLC F . 8.18 18.65 23.10
C17 OLC F . 12.44 27.24 22.99
C11 OLC F . 9.53 20.78 23.21
C8 OLC F . 7.07 17.84 22.52
C24 OLC F . -1.31 10.29 18.65
C16 OLC F . 12.48 25.80 23.46
C12 OLC F . 9.58 22.07 22.47
C7 OLC F . 7.08 16.39 22.92
C15 OLC F . 11.47 24.90 22.80
C13 OLC F . 10.99 22.51 22.11
C6 OLC F . 6.06 15.55 22.18
C14 OLC F . 11.67 23.43 23.09
C5 OLC F . 6.09 14.07 22.49
C4 OLC F . 5.22 13.27 21.56
C3 OLC F . 5.12 11.79 21.89
C2 OLC F . 4.30 11.04 20.88
C21 OLC F . 0.80 11.13 19.74
C1 OLC F . 2.87 11.49 20.80
C22 OLC F . 0.20 10.28 18.66
O19 OLC F . 2.34 12.28 21.53
O25 OLC F . -1.83 9.39 17.67
O23 OLC F . 0.70 10.73 17.39
O20 OLC F . 2.22 10.87 19.81
C18 OLC G . 28.94 1.45 24.21
C10 OLC G . 23.41 -4.25 20.20
C9 OLC G . 22.36 -4.63 20.86
C17 OLC G . 27.45 1.22 24.32
C11 OLC G . 24.61 -3.54 20.76
C8 OLC G . 21.06 -4.85 20.18
C24 OLC G . 11.95 -12.83 22.05
C16 OLC G . 26.83 0.80 23.01
C12 OLC G . 24.24 -2.25 21.42
C7 OLC G . 20.63 -6.28 20.14
C15 OLC G . 25.33 0.60 23.05
C13 OLC G . 25.23 -1.12 21.19
C6 OLC G . 19.47 -6.54 19.19
C14 OLC G . 24.75 0.22 21.71
C5 OLC G . 18.86 -7.91 19.32
C4 OLC G . 17.84 -8.22 18.25
C3 OLC G . 17.01 -9.45 18.50
C2 OLC G . 16.22 -9.34 19.76
C21 OLC G . 14.10 -11.54 21.71
C1 OLC G . 15.23 -10.44 19.96
C22 OLC G . 12.62 -11.62 21.43
O19 OLC G . 14.99 -11.31 19.16
O25 OLC G . 11.36 -13.68 21.07
O23 OLC G . 11.99 -10.43 21.91
O20 OLC G . 14.63 -10.33 21.14
C18 OLC H . 22.12 12.76 1.78
C10 OLC H . 18.78 5.04 -0.03
C9 OLC H . 18.82 3.76 -0.29
C17 OLC H . 20.88 12.17 2.40
C11 OLC H . 19.58 5.67 1.08
C8 OLC H . 19.52 2.76 0.58
C24 OLC H . 12.01 -7.80 -1.08
C16 OLC H . 21.02 10.71 2.75
C12 OLC H . 19.22 7.10 1.36
C7 OLC H . 19.51 1.36 0.06
C15 OLC H . 21.24 9.80 1.57
C13 OLC H . 20.07 7.74 2.43
C6 OLC H . 18.38 0.47 0.58
C14 OLC H . 21.36 8.34 1.93
C5 OLC H . 18.39 -0.94 0.04
C4 OLC H . 17.06 -1.64 0.12
C3 OLC H . 16.96 -2.90 -0.70
C2 OLC H . 15.55 -3.38 -0.81
C21 OLC H . 13.86 -6.37 -2.07
C1 OLC H . 15.39 -4.66 -1.57
C22 OLC H . 12.37 -6.63 -1.96
O19 OLC H . 16.28 -5.28 -2.08
O25 OLC H . 10.65 -7.77 -0.69
O23 OLC H . 11.74 -5.45 -1.46
O20 OLC H . 14.12 -5.04 -1.58
C1 RET I . -17.00 -3.44 -12.61
C2 RET I . -16.89 -1.93 -12.40
C3 RET I . -17.69 -1.45 -11.25
C4 RET I . -19.15 -1.72 -11.56
C5 RET I . -19.41 -3.08 -12.13
C6 RET I . -18.43 -3.95 -12.47
C7 RET I . -18.79 -5.34 -12.71
C8 RET I . -17.97 -6.39 -13.01
C9 RET I . -18.31 -7.73 -13.18
C10 RET I . -17.35 -8.70 -13.53
C11 RET I . -17.48 -10.06 -13.69
C12 RET I . -16.46 -10.93 -14.02
C13 RET I . -16.52 -12.32 -14.17
C14 RET I . -15.41 -13.06 -14.59
C15 RET I . -15.37 -14.48 -14.78
C16 RET I . -16.45 -3.72 -14.02
C17 RET I . -16.08 -4.10 -11.58
C18 RET I . -20.88 -3.40 -12.24
C19 RET I . -19.72 -8.20 -12.98
C20 RET I . -17.81 -13.00 -13.88
C1 OLB J . -3.95 -9.46 -22.98
C2 OLB J . -4.87 -10.12 -21.98
C3 OLB J . -6.08 -10.73 -22.60
C4 OLB J . -5.85 -12.15 -23.11
C5 OLB J . -6.97 -12.65 -23.99
O19 OLB J . -3.42 -10.01 -23.91
O20 OLB J . -3.76 -8.18 -22.69
C21 OLB J . -2.54 -7.59 -23.18
C22 OLB J . -2.55 -6.11 -22.85
O23 OLB J . -3.09 -5.91 -21.54
C24 OLB J . -1.19 -5.45 -22.96
O25 OLB J . -1.26 -4.05 -22.70
C6 OLB J . -7.03 -11.98 -25.34
C7 OLB J . -8.41 -11.94 -25.99
C8 OLB J . -9.11 -13.26 -26.11
C9 OLB J . -10.28 -13.21 -27.05
C10 OLB J . -11.09 -14.18 -27.38
C11 OLB J . -12.06 -14.08 -28.51
C12 OLB J . -13.50 -14.20 -28.12
C13 OLB J . -14.47 -13.77 -29.23
C14 OLB J . -15.50 -14.81 -29.58
C15 OLB J . -16.31 -14.48 -30.82
C16 OLB J . -17.27 -15.55 -31.25
C17 OLB J . -18.01 -15.28 -32.53
C18 OLB J . -18.94 -16.39 -32.95
C24 OLC K . 8.69 -16.80 -14.70
C7 OLC K . 3.92 -23.53 -22.39
C6 OLC K . 3.53 -22.16 -21.84
C5 OLC K . 3.83 -21.98 -20.36
C4 OLC K . 3.38 -20.65 -19.80
C3 OLC K . 3.69 -20.46 -18.33
C2 OLC K . 5.15 -20.49 -18.03
C21 OLC K . 6.91 -18.38 -15.57
C1 OLC K . 5.51 -19.92 -16.69
C22 OLC K . 7.95 -17.34 -15.91
O19 OLC K . 5.08 -20.30 -15.64
O25 OLC K . 9.70 -15.88 -15.08
O23 OLC K . 8.88 -17.88 -16.85
O20 OLC K . 6.38 -18.92 -16.80
#